data_6Y4E
#
_entry.id   6Y4E
#
_cell.length_a   25.561
_cell.length_b   53.139
_cell.length_c   40.158
_cell.angle_alpha   90.000
_cell.angle_beta   102.835
_cell.angle_gamma   90.000
#
_symmetry.space_group_name_H-M   'P 1 21 1'
#
loop_
_entity.id
_entity.type
_entity.pdbx_description
1 polymer 'Fimbrial adhesin'
2 non-polymer 'ZINC ION'
3 non-polymer 'L(+)-TARTARIC ACID'
4 water water
#
_entity_poly.entity_id   1
_entity_poly.type   'polypeptide(L)'
_entity_poly.pdbx_seq_one_letter_code
;SIFSYITESTGTPSNATYTYVIERWDPETSGILNPCYGWPVCYVTVNHKHTVNGTGGNPAFQIARIEKLRTLAEVRDVVL
KNRSFPIEGQTTHRGPSLNSNQECVGLFYQPNSSGISPRGKLLPGSLCGAHHHHHH
;
_entity_poly.pdbx_strand_id   A
#
# COMPACT_ATOMS: atom_id res chain seq x y z
N SER A 1 -4.98 -9.67 -8.78
CA SER A 1 -4.96 -8.96 -7.51
C SER A 1 -3.56 -8.78 -6.99
N ILE A 2 -3.43 -7.86 -6.04
CA ILE A 2 -2.20 -7.64 -5.29
C ILE A 2 -2.47 -8.15 -3.89
N PHE A 3 -1.69 -9.12 -3.42
CA PHE A 3 -1.94 -9.78 -2.15
C PHE A 3 -0.93 -9.31 -1.12
N SER A 4 -1.43 -8.76 0.00
CA SER A 4 -0.57 -8.34 1.08
C SER A 4 -1.29 -8.62 2.40
N TYR A 5 -0.52 -8.69 3.47
CA TYR A 5 -1.10 -8.96 4.78
C TYR A 5 -0.13 -8.56 5.87
N ILE A 6 -0.72 -8.14 6.98
CA ILE A 6 -0.01 -7.90 8.23
C ILE A 6 -0.01 -9.21 9.00
N THR A 7 1.17 -9.62 9.46
CA THR A 7 1.31 -10.85 10.23
C THR A 7 1.36 -10.61 11.72
N GLU A 8 1.65 -9.38 12.14
CA GLU A 8 1.57 -9.00 13.54
CA GLU A 8 1.53 -9.00 13.55
C GLU A 8 1.44 -7.48 13.63
N SER A 9 0.65 -7.03 14.59
CA SER A 9 0.55 -5.62 14.94
CA SER A 9 0.54 -5.62 14.94
CA SER A 9 0.52 -5.61 14.95
C SER A 9 0.79 -5.54 16.43
N THR A 10 1.77 -4.73 16.85
CA THR A 10 2.09 -4.56 18.25
C THR A 10 1.91 -3.09 18.62
N GLY A 11 1.70 -2.84 19.90
CA GLY A 11 1.45 -1.51 20.38
C GLY A 11 -0.03 -1.29 20.65
N THR A 12 -0.55 -0.15 20.26
CA THR A 12 -1.94 0.21 20.49
C THR A 12 -2.53 0.62 19.15
N PRO A 13 -3.86 0.76 19.06
CA PRO A 13 -4.47 1.07 17.76
C PRO A 13 -3.97 2.34 17.13
N SER A 14 -3.55 3.32 17.94
CA SER A 14 -3.09 4.60 17.43
CA SER A 14 -3.09 4.62 17.48
C SER A 14 -1.57 4.73 17.41
N ASN A 15 -0.84 3.69 17.83
CA ASN A 15 0.62 3.73 17.89
C ASN A 15 1.07 2.27 17.77
N ALA A 16 1.13 1.81 16.53
CA ALA A 16 1.24 0.41 16.23
C ALA A 16 2.41 0.17 15.28
N THR A 17 3.06 -0.98 15.45
CA THR A 17 4.07 -1.44 14.52
C THR A 17 3.53 -2.66 13.79
N TYR A 18 3.52 -2.60 12.47
CA TYR A 18 3.03 -3.68 11.65
C TYR A 18 4.19 -4.43 11.02
N THR A 19 4.20 -5.74 11.15
CA THR A 19 5.09 -6.60 10.37
C THR A 19 4.28 -7.08 9.20
N TYR A 20 4.77 -6.86 7.97
CA TYR A 20 3.95 -7.06 6.80
C TYR A 20 4.68 -7.84 5.72
N VAL A 21 3.86 -8.39 4.81
CA VAL A 21 4.30 -9.06 3.60
C VAL A 21 3.45 -8.57 2.44
N ILE A 22 4.10 -8.14 1.36
CA ILE A 22 3.46 -7.96 0.06
CA ILE A 22 3.41 -7.99 0.08
C ILE A 22 3.86 -9.20 -0.71
N GLU A 23 2.96 -10.17 -0.83
CA GLU A 23 3.35 -11.51 -1.27
C GLU A 23 3.54 -11.60 -2.76
N ARG A 24 2.60 -11.07 -3.53
CA ARG A 24 2.63 -11.25 -4.97
C ARG A 24 1.62 -10.32 -5.61
N TRP A 25 1.82 -10.09 -6.91
CA TRP A 25 0.96 -9.28 -7.75
C TRP A 25 0.77 -10.06 -9.03
N ASP A 26 -0.42 -10.62 -9.23
CA ASP A 26 -0.65 -11.45 -10.39
C ASP A 26 -0.68 -10.62 -11.66
N PRO A 27 -0.41 -11.22 -12.82
CA PRO A 27 -0.45 -10.48 -14.09
C PRO A 27 -1.76 -9.73 -14.28
N GLU A 28 -1.65 -8.57 -14.92
CA GLU A 28 -2.78 -7.64 -15.13
C GLU A 28 -3.30 -7.80 -16.55
N THR A 29 -4.41 -8.53 -16.72
CA THR A 29 -4.96 -8.82 -18.04
C THR A 29 -6.39 -8.29 -18.22
N SER A 30 -6.83 -7.37 -17.36
CA SER A 30 -8.20 -6.88 -17.39
C SER A 30 -8.31 -5.48 -17.98
N GLY A 31 -7.21 -4.89 -18.45
CA GLY A 31 -7.24 -3.56 -19.00
C GLY A 31 -7.45 -2.47 -17.99
N ILE A 32 -7.20 -2.74 -16.71
CA ILE A 32 -7.39 -1.72 -15.68
CA ILE A 32 -7.39 -1.72 -15.68
C ILE A 32 -6.40 -0.58 -15.90
N LEU A 33 -6.88 0.65 -15.78
CA LEU A 33 -6.04 1.81 -15.97
C LEU A 33 -5.35 2.22 -14.67
N ASN A 34 -4.24 2.91 -14.82
CA ASN A 34 -3.55 3.51 -13.68
C ASN A 34 -4.35 4.69 -13.19
N PRO A 35 -4.86 4.70 -11.94
CA PRO A 35 -5.72 5.81 -11.49
C PRO A 35 -5.03 7.15 -11.47
N CYS A 36 -3.71 7.20 -11.41
CA CYS A 36 -3.02 8.48 -11.39
C CYS A 36 -2.27 8.79 -12.69
N TYR A 37 -2.61 8.12 -13.79
CA TYR A 37 -2.02 8.49 -15.07
C TYR A 37 -2.32 9.95 -15.36
N GLY A 38 -1.29 10.70 -15.70
CA GLY A 38 -1.46 12.08 -16.10
C GLY A 38 -1.52 13.07 -14.96
N TRP A 39 -1.46 12.64 -13.70
CA TRP A 39 -1.23 13.57 -12.62
C TRP A 39 0.11 14.25 -12.87
N PRO A 40 0.35 15.43 -12.30
CA PRO A 40 1.70 16.01 -12.40
C PRO A 40 2.78 15.04 -11.93
N VAL A 41 2.56 14.44 -10.78
CA VAL A 41 3.49 13.49 -10.16
C VAL A 41 2.68 12.40 -9.49
N CYS A 42 3.10 11.15 -9.66
CA CYS A 42 2.49 10.05 -8.93
C CYS A 42 3.53 9.00 -8.66
N TYR A 43 3.48 8.43 -7.46
CA TYR A 43 4.35 7.34 -7.05
C TYR A 43 3.53 6.12 -6.68
N VAL A 44 4.10 4.94 -6.95
CA VAL A 44 3.69 3.73 -6.26
C VAL A 44 4.60 3.54 -5.06
N THR A 45 3.99 3.26 -3.91
CA THR A 45 4.69 3.14 -2.64
C THR A 45 4.20 1.89 -1.91
N VAL A 46 4.96 1.49 -0.90
CA VAL A 46 4.44 0.63 0.16
C VAL A 46 3.99 1.56 1.28
N ASN A 47 2.73 1.48 1.65
CA ASN A 47 2.16 2.38 2.64
C ASN A 47 1.09 1.62 3.41
N HIS A 48 0.57 2.26 4.44
CA HIS A 48 -0.51 1.69 5.23
C HIS A 48 -1.72 2.61 5.23
N LYS A 49 -2.88 2.02 5.49
CA LYS A 49 -4.09 2.79 5.77
C LYS A 49 -3.89 3.53 7.08
N HIS A 50 -3.95 4.86 7.02
CA HIS A 50 -3.63 5.71 8.16
C HIS A 50 -4.87 6.29 8.82
N THR A 51 -5.97 6.33 8.11
CA THR A 51 -7.20 6.92 8.56
C THR A 51 -8.31 5.92 8.39
N VAL A 52 -9.43 6.21 9.05
CA VAL A 52 -10.60 5.37 8.87
C VAL A 52 -11.13 5.45 7.46
N ASN A 53 -10.70 6.42 6.67
CA ASN A 53 -11.07 6.56 5.28
CA ASN A 53 -11.11 6.52 5.29
C ASN A 53 -10.18 5.75 4.35
N GLY A 54 -9.17 5.05 4.87
CA GLY A 54 -8.30 4.23 4.05
C GLY A 54 -7.22 4.96 3.30
N THR A 55 -6.99 6.22 3.63
CA THR A 55 -5.97 7.01 2.97
C THR A 55 -4.61 6.69 3.58
N GLY A 56 -3.55 7.12 2.91
CA GLY A 56 -2.22 6.67 3.25
C GLY A 56 -1.52 7.45 4.36
N GLY A 57 -0.63 6.75 5.02
CA GLY A 57 0.27 7.36 5.98
C GLY A 57 1.57 7.79 5.36
N ASN A 58 2.61 7.85 6.17
CA ASN A 58 3.97 8.03 5.71
C ASN A 58 4.45 6.71 5.12
N PRO A 59 4.78 6.64 3.84
CA PRO A 59 5.14 5.34 3.25
C PRO A 59 6.31 4.68 3.94
N ALA A 60 6.25 3.36 3.94
CA ALA A 60 7.42 2.57 4.29
C ALA A 60 8.55 2.84 3.31
N PHE A 61 8.21 2.91 2.01
CA PHE A 61 9.16 3.34 1.00
C PHE A 61 8.44 3.58 -0.31
N GLN A 62 9.04 4.43 -1.13
CA GLN A 62 8.55 4.67 -2.48
CA GLN A 62 8.52 4.64 -2.48
C GLN A 62 9.27 3.72 -3.44
N ILE A 63 8.53 3.21 -4.41
CA ILE A 63 9.07 2.28 -5.40
C ILE A 63 9.42 2.96 -6.72
N ALA A 64 8.49 3.72 -7.31
CA ALA A 64 8.72 4.29 -8.63
C ALA A 64 7.73 5.41 -8.90
N ARG A 65 8.11 6.27 -9.84
CA ARG A 65 7.22 7.25 -10.45
C ARG A 65 6.37 6.56 -11.50
N ILE A 66 5.07 6.85 -11.50
CA ILE A 66 4.13 6.15 -12.36
C ILE A 66 3.16 7.05 -13.12
N GLU A 67 3.25 8.38 -13.00
CA GLU A 67 2.25 9.21 -13.66
C GLU A 67 2.29 9.12 -15.19
N LYS A 68 3.37 8.60 -15.79
CA LYS A 68 3.44 8.47 -17.23
C LYS A 68 2.95 7.11 -17.70
N LEU A 69 2.53 6.24 -16.80
CA LEU A 69 2.10 4.90 -17.13
C LEU A 69 0.58 4.85 -17.22
N ARG A 70 0.07 4.49 -18.40
CA ARG A 70 -1.37 4.55 -18.61
C ARG A 70 -2.10 3.40 -17.92
N THR A 71 -1.50 2.21 -17.86
CA THR A 71 -2.24 1.04 -17.43
C THR A 71 -1.65 0.46 -16.15
N LEU A 72 -2.49 -0.27 -15.44
CA LEU A 72 -2.01 -0.98 -14.25
C LEU A 72 -0.99 -2.06 -14.60
N ALA A 73 -1.12 -2.69 -15.78
CA ALA A 73 -0.10 -3.65 -16.21
C ALA A 73 1.26 -2.98 -16.32
N GLU A 74 1.31 -1.73 -16.81
CA GLU A 74 2.58 -1.01 -16.88
C GLU A 74 3.10 -0.66 -15.49
N VAL A 75 2.21 -0.27 -14.58
CA VAL A 75 2.64 -0.02 -13.20
C VAL A 75 3.27 -1.27 -12.61
N ARG A 76 2.62 -2.44 -12.79
CA ARG A 76 3.17 -3.69 -12.27
C ARG A 76 4.55 -3.96 -12.88
N ASP A 77 4.69 -3.74 -14.18
CA ASP A 77 5.96 -3.98 -14.83
C ASP A 77 7.07 -3.13 -14.23
N VAL A 78 6.79 -1.84 -14.00
CA VAL A 78 7.79 -0.95 -13.42
C VAL A 78 8.10 -1.35 -11.98
N VAL A 79 7.07 -1.76 -11.21
CA VAL A 79 7.34 -2.26 -9.86
C VAL A 79 8.31 -3.41 -9.92
N LEU A 80 8.06 -4.38 -10.81
CA LEU A 80 8.92 -5.57 -10.91
C LEU A 80 10.32 -5.23 -11.40
N LYS A 81 10.47 -4.20 -12.22
CA LYS A 81 11.81 -3.79 -12.63
C LYS A 81 12.60 -3.20 -11.47
N ASN A 82 11.90 -2.69 -10.45
N ASN A 82 11.90 -2.71 -10.44
CA ASN A 82 12.52 -2.05 -9.31
CA ASN A 82 12.56 -2.06 -9.31
C ASN A 82 12.65 -2.93 -8.09
C ASN A 82 12.57 -2.88 -8.04
N ARG A 83 11.74 -3.92 -7.92
CA ARG A 83 11.63 -4.66 -6.68
C ARG A 83 11.19 -6.08 -6.98
N SER A 84 11.74 -7.01 -6.25
CA SER A 84 11.26 -8.39 -6.30
C SER A 84 10.26 -8.66 -5.18
N PHE A 85 9.41 -9.65 -5.42
CA PHE A 85 8.49 -10.14 -4.41
C PHE A 85 9.03 -11.42 -3.80
N PRO A 86 8.74 -11.69 -2.54
CA PRO A 86 7.91 -10.86 -1.66
C PRO A 86 8.66 -9.64 -1.15
N ILE A 87 7.88 -8.63 -0.79
CA ILE A 87 8.37 -7.46 -0.09
C ILE A 87 8.00 -7.67 1.38
N GLU A 88 8.95 -7.51 2.28
CA GLU A 88 8.71 -7.66 3.70
C GLU A 88 9.32 -6.50 4.43
N GLY A 89 8.72 -6.18 5.58
CA GLY A 89 9.32 -5.20 6.45
C GLY A 89 8.45 -4.94 7.65
N GLN A 90 8.77 -3.85 8.33
CA GLN A 90 7.96 -3.36 9.42
C GLN A 90 7.73 -1.88 9.16
N THR A 91 6.55 -1.40 9.48
CA THR A 91 6.24 0.02 9.39
C THR A 91 5.38 0.40 10.58
N THR A 92 5.40 1.67 10.97
N THR A 92 5.40 1.69 10.88
CA THR A 92 4.75 2.09 12.21
CA THR A 92 4.73 2.21 12.04
C THR A 92 3.71 3.17 11.94
C THR A 92 3.52 3.01 11.61
N HIS A 93 2.52 2.98 12.49
CA HIS A 93 1.40 3.90 12.41
C HIS A 93 1.27 4.65 13.72
N ARG A 94 1.29 5.98 13.63
CA ARG A 94 1.02 6.86 14.75
C ARG A 94 -0.01 7.85 14.24
N GLY A 95 -1.23 7.76 14.74
CA GLY A 95 -2.30 8.54 14.18
C GLY A 95 -3.64 8.06 14.69
N PRO A 96 -4.67 8.19 13.86
CA PRO A 96 -6.00 7.72 14.24
C PRO A 96 -6.00 6.28 14.75
N SER A 97 -6.84 6.02 15.74
N SER A 97 -6.88 6.01 15.72
CA SER A 97 -7.00 4.65 16.19
CA SER A 97 -7.02 4.65 16.21
C SER A 97 -7.63 3.80 15.10
C SER A 97 -7.67 3.76 15.16
N LEU A 98 -7.02 2.64 14.82
CA LEU A 98 -7.51 1.71 13.81
C LEU A 98 -7.65 0.32 14.42
N ASN A 99 -8.78 -0.34 14.18
CA ASN A 99 -8.92 -1.74 14.57
C ASN A 99 -8.27 -2.65 13.55
N SER A 100 -8.23 -3.96 13.81
CA SER A 100 -7.49 -4.83 12.92
CA SER A 100 -7.51 -4.87 12.94
C SER A 100 -8.09 -4.87 11.53
N ASN A 101 -9.40 -4.73 11.40
CA ASN A 101 -10.04 -4.69 10.08
C ASN A 101 -9.72 -3.41 9.31
N GLN A 102 -9.26 -2.37 10.02
N GLN A 102 -9.28 -2.36 10.00
CA GLN A 102 -8.88 -1.09 9.41
CA GLN A 102 -8.88 -1.13 9.34
C GLN A 102 -7.38 -0.97 9.17
C GLN A 102 -7.41 -1.10 8.98
N GLU A 103 -6.60 -1.95 9.60
CA GLU A 103 -5.17 -1.96 9.39
C GLU A 103 -4.84 -2.64 8.07
N CYS A 104 -3.95 -2.07 7.28
N CYS A 104 -3.88 -2.11 7.34
CA CYS A 104 -3.46 -2.75 6.09
CA CYS A 104 -3.52 -2.64 6.04
C CYS A 104 -2.18 -2.07 5.63
C CYS A 104 -2.21 -2.05 5.56
N VAL A 105 -1.27 -2.88 5.12
CA VAL A 105 -0.10 -2.44 4.38
C VAL A 105 -0.23 -2.98 2.96
N GLY A 106 -0.03 -2.14 1.96
CA GLY A 106 -0.09 -2.58 0.59
C GLY A 106 0.57 -1.58 -0.32
N LEU A 107 0.34 -1.79 -1.62
CA LEU A 107 0.87 -0.90 -2.65
C LEU A 107 -0.14 0.22 -2.89
N PHE A 108 0.27 1.45 -2.60
CA PHE A 108 -0.52 2.66 -2.76
C PHE A 108 -0.03 3.42 -3.98
N TYR A 109 -0.94 4.20 -4.56
CA TYR A 109 -0.56 5.29 -5.46
C TYR A 109 -0.81 6.59 -4.73
N GLN A 110 0.01 7.60 -5.01
CA GLN A 110 -0.06 8.84 -4.24
C GLN A 110 0.77 9.90 -4.94
N PRO A 111 0.46 11.18 -4.72
CA PRO A 111 1.18 12.25 -5.43
C PRO A 111 2.52 12.57 -4.80
N ASN A 112 2.71 12.23 -3.54
CA ASN A 112 3.85 12.59 -2.74
C ASN A 112 4.71 11.35 -2.48
N SER A 113 6.01 11.54 -2.40
CA SER A 113 6.94 10.46 -2.12
CA SER A 113 6.90 10.43 -2.13
C SER A 113 6.95 10.08 -0.65
N SER A 114 6.79 11.07 0.25
CA SER A 114 6.82 10.78 1.67
CA SER A 114 6.90 10.85 1.67
C SER A 114 5.97 11.81 2.41
N GLY A 115 5.90 11.66 3.72
CA GLY A 115 4.95 12.36 4.54
C GLY A 115 3.60 11.66 4.54
N ILE A 116 2.71 12.15 5.41
CA ILE A 116 1.34 11.67 5.45
C ILE A 116 0.73 11.87 4.07
N SER A 117 -0.15 10.95 3.65
CA SER A 117 -0.57 10.83 2.26
C SER A 117 -2.09 10.80 2.09
N PRO A 118 -2.77 11.91 2.38
CA PRO A 118 -4.23 11.91 2.31
C PRO A 118 -4.80 11.67 0.94
N ARG A 119 -4.05 11.93 -0.14
CA ARG A 119 -4.50 11.67 -1.49
C ARG A 119 -4.05 10.31 -2.00
N GLY A 120 -3.42 9.51 -1.14
CA GLY A 120 -3.01 8.18 -1.53
C GLY A 120 -4.07 7.14 -1.21
N LYS A 121 -4.15 6.14 -2.07
CA LYS A 121 -5.07 5.02 -1.88
C LYS A 121 -4.39 3.74 -2.38
N LEU A 122 -4.89 2.60 -1.92
CA LEU A 122 -4.43 1.33 -2.47
C LEU A 122 -4.67 1.27 -3.97
N LEU A 123 -3.74 0.65 -4.69
CA LEU A 123 -3.94 0.37 -6.10
C LEU A 123 -5.17 -0.51 -6.30
N PRO A 124 -5.84 -0.39 -7.44
CA PRO A 124 -6.97 -1.27 -7.74
C PRO A 124 -6.57 -2.73 -7.65
N GLY A 125 -7.48 -3.52 -7.10
CA GLY A 125 -7.25 -4.94 -6.98
C GLY A 125 -6.44 -5.35 -5.77
N SER A 126 -6.15 -4.45 -4.87
CA SER A 126 -5.42 -4.77 -3.66
C SER A 126 -6.33 -5.51 -2.71
N LEU A 127 -5.95 -6.72 -2.36
CA LEU A 127 -6.64 -7.54 -1.37
C LEU A 127 -5.71 -7.60 -0.16
N CYS A 128 -5.93 -6.74 0.83
N CYS A 128 -6.05 -6.79 0.83
CA CYS A 128 -4.98 -6.66 1.94
CA CYS A 128 -5.28 -6.65 2.06
C CYS A 128 -5.61 -7.24 3.19
C CYS A 128 -5.85 -7.62 3.11
N GLY A 129 -5.04 -8.37 3.63
N GLY A 129 -4.97 -8.38 3.74
CA GLY A 129 -5.57 -9.17 4.72
CA GLY A 129 -5.37 -9.27 4.80
C GLY A 129 -5.65 -10.63 4.31
C GLY A 129 -5.63 -10.67 4.29
N ALA A 130 -6.67 -11.31 4.80
CA ALA A 130 -6.96 -12.69 4.41
C ALA A 130 -7.41 -12.73 2.97
N HIS A 131 -6.81 -13.61 2.17
CA HIS A 131 -7.28 -13.80 0.81
C HIS A 131 -8.54 -14.66 0.81
N HIS A 132 -9.13 -14.87 -0.36
CA HIS A 132 -10.36 -15.66 -0.47
C HIS A 132 -10.02 -17.14 -0.38
N HIS A 133 -10.89 -17.90 0.27
CA HIS A 133 -10.74 -19.34 0.34
C HIS A 133 -11.95 -20.01 -0.28
#